data_3O9N
#
_entry.id   3O9N
#
_cell.length_a   42.792
_cell.length_b   65.363
_cell.length_c   49.418
_cell.angle_alpha   90.00
_cell.angle_beta   102.13
_cell.angle_gamma   90.00
#
_symmetry.space_group_name_H-M   'P 1 21 1'
#
loop_
_entity.id
_entity.type
_entity.pdbx_description
1 polymer Haementhin
2 non-polymer 'ACETATE ION'
3 non-polymer 'PHOSPHATE ION'
4 water water
#
_entity_poly.entity_id   1
_entity_poly.type   'polypeptide(L)'
_entity_poly.pdbx_seq_one_letter_code
;GNLDIAVYWGQNFDERSLEATCDSGNYAYVIIGFLNTFGGGQTPALDISGHSPSGLEPQIKHCQSKNVKVLLSIGGPAGP
YSLDSRSDANDLAVYLFNNFLLPPGHSENNPFGNAVLDGIDFHIEHGGPSQYQLLANILSSFRLKGTEFALTAAPQCVYP
DPNLGTVINSATFDAIWVQFYNNPQCSYSSGNAEALMNAWREWSMKARTKKVFLGFPAHPDAAGSGYMPPAKVKFHVFPA
AKKSYKFGGIMLWDSYWDTVSQFSNKILGDGV
;
_entity_poly.pdbx_strand_id   A
#
loop_
_chem_comp.id
_chem_comp.type
_chem_comp.name
_chem_comp.formula
ACT non-polymer 'ACETATE ION' 'C2 H3 O2 -1'
PO4 non-polymer 'PHOSPHATE ION' 'O4 P -3'
#
# COMPACT_ATOMS: atom_id res chain seq x y z
N GLY A 1 -0.71 21.12 -7.49
CA GLY A 1 0.09 21.76 -6.42
C GLY A 1 1.11 20.79 -5.84
N ASN A 2 1.05 20.58 -4.52
CA ASN A 2 1.98 19.65 -3.88
C ASN A 2 1.45 18.25 -4.11
N LEU A 3 2.35 17.30 -4.36
CA LEU A 3 1.92 15.95 -4.63
C LEU A 3 2.43 14.89 -3.66
N ASP A 4 1.51 14.08 -3.14
CA ASP A 4 1.89 13.00 -2.24
C ASP A 4 1.94 11.72 -3.06
N ILE A 5 3.07 11.03 -3.00
CA ILE A 5 3.27 9.79 -3.73
C ILE A 5 3.59 8.68 -2.74
N ALA A 6 2.93 7.54 -2.90
CA ALA A 6 3.17 6.39 -2.03
C ALA A 6 3.87 5.37 -2.91
N VAL A 7 4.79 4.60 -2.36
CA VAL A 7 5.49 3.62 -3.18
C VAL A 7 5.73 2.31 -2.45
N TYR A 8 5.61 1.21 -3.17
CA TYR A 8 5.86 -0.10 -2.57
C TYR A 8 7.34 -0.39 -2.60
N TRP A 9 7.86 -0.85 -1.47
CA TRP A 9 9.27 -1.18 -1.36
C TRP A 9 9.39 -2.62 -0.87
N GLY A 10 10.47 -3.28 -1.25
CA GLY A 10 10.70 -4.64 -0.82
C GLY A 10 10.49 -5.70 -1.88
N GLN A 11 10.30 -5.29 -3.13
CA GLN A 11 10.08 -6.26 -4.20
C GLN A 11 11.30 -6.85 -4.90
N ASN A 12 12.50 -6.43 -4.51
CA ASN A 12 13.71 -6.99 -5.12
C ASN A 12 14.97 -6.85 -4.27
N PHE A 13 15.69 -7.97 -4.12
CA PHE A 13 16.94 -8.02 -3.33
C PHE A 13 17.92 -6.94 -3.73
N ASP A 14 17.96 -6.65 -5.03
CA ASP A 14 18.86 -5.66 -5.60
C ASP A 14 18.37 -4.21 -5.71
N GLU A 15 17.26 -3.88 -5.06
CA GLU A 15 16.75 -2.52 -5.16
C GLU A 15 17.43 -1.49 -4.27
N ARG A 16 17.31 -0.22 -4.66
CA ARG A 16 17.82 0.90 -3.89
C ARG A 16 17.31 0.64 -2.46
N SER A 17 18.18 0.77 -1.47
CA SER A 17 17.81 0.50 -0.08
C SER A 17 16.63 1.34 0.39
N LEU A 18 16.09 0.99 1.55
CA LEU A 18 14.95 1.73 2.11
C LEU A 18 15.32 3.17 2.51
N GLU A 19 16.48 3.37 3.15
CA GLU A 19 16.84 4.73 3.54
C GLU A 19 17.13 5.61 2.33
N ALA A 20 17.75 5.05 1.31
CA ALA A 20 18.05 5.83 0.12
C ALA A 20 16.75 6.13 -0.60
N THR A 21 15.78 5.23 -0.45
CA THR A 21 14.49 5.45 -1.09
C THR A 21 13.83 6.65 -0.40
N CYS A 22 13.94 6.71 0.92
CA CYS A 22 13.37 7.81 1.69
C CYS A 22 14.15 9.10 1.45
N ASP A 23 15.46 8.98 1.33
CA ASP A 23 16.32 10.14 1.07
C ASP A 23 16.06 10.79 -0.29
N SER A 24 15.37 10.09 -1.20
CA SER A 24 15.10 10.66 -2.51
C SER A 24 14.24 11.92 -2.37
N GLY A 25 13.35 11.93 -1.38
CA GLY A 25 12.49 13.06 -1.13
C GLY A 25 11.22 13.10 -1.98
N ASN A 26 11.01 12.04 -2.75
CA ASN A 26 9.86 11.92 -3.64
C ASN A 26 8.58 11.38 -3.03
N TYR A 27 8.72 10.70 -1.90
CA TYR A 27 7.58 10.04 -1.29
C TYR A 27 7.12 10.46 0.09
N ALA A 28 5.80 10.38 0.31
CA ALA A 28 5.19 10.69 1.59
C ALA A 28 5.01 9.37 2.35
N TYR A 29 4.78 8.28 1.62
CA TYR A 29 4.57 6.96 2.20
C TYR A 29 5.40 5.90 1.53
N VAL A 30 6.04 5.06 2.34
CA VAL A 30 6.81 3.94 1.81
C VAL A 30 6.12 2.70 2.40
N ILE A 31 5.67 1.81 1.53
CA ILE A 31 4.99 0.60 1.97
C ILE A 31 5.86 -0.61 1.76
N ILE A 32 6.21 -1.25 2.90
CA ILE A 32 7.06 -2.43 2.89
C ILE A 32 6.24 -3.62 2.55
N GLY A 33 6.58 -4.36 1.52
CA GLY A 33 5.82 -5.54 1.18
C GLY A 33 6.63 -6.83 1.14
N PHE A 34 6.14 -7.95 1.62
CA PHE A 34 4.80 -8.23 2.08
C PHE A 34 4.87 -9.23 3.19
N LEU A 35 3.97 -9.16 4.15
CA LEU A 35 3.77 -10.29 5.03
C LEU A 35 2.80 -11.20 4.31
N ASN A 36 3.35 -12.16 3.58
CA ASN A 36 2.56 -12.95 2.67
C ASN A 36 2.22 -14.36 3.12
N THR A 37 2.51 -14.68 4.38
CA THR A 37 2.16 -16.03 4.85
C THR A 37 1.48 -15.93 6.20
N PHE A 38 0.23 -16.41 6.25
CA PHE A 38 -0.52 -16.39 7.50
C PHE A 38 -1.83 -17.15 7.31
N GLY A 39 -2.46 -17.51 8.43
CA GLY A 39 -3.66 -18.25 8.39
C GLY A 39 -3.50 -19.68 7.95
N GLY A 40 -4.53 -20.48 8.19
CA GLY A 40 -4.57 -21.86 7.79
C GLY A 40 -3.61 -22.79 8.50
N GLY A 41 -3.30 -22.50 9.76
CA GLY A 41 -2.38 -23.33 10.51
C GLY A 41 -0.93 -22.88 10.33
N GLN A 42 -0.77 -21.82 9.54
CA GLN A 42 0.55 -21.26 9.27
C GLN A 42 1.00 -20.16 10.22
N THR A 43 2.30 -20.13 10.47
CA THR A 43 2.89 -19.11 11.30
C THR A 43 3.16 -17.97 10.32
N PRO A 44 2.97 -16.71 10.75
CA PRO A 44 3.20 -15.57 9.85
C PRO A 44 4.64 -15.49 9.36
N ALA A 45 4.81 -14.99 8.14
CA ALA A 45 6.16 -14.87 7.58
C ALA A 45 6.22 -13.73 6.57
N LEU A 46 7.41 -13.18 6.42
CA LEU A 46 7.65 -12.09 5.50
C LEU A 46 8.33 -12.56 4.24
N ASP A 47 7.96 -11.96 3.12
CA ASP A 47 8.69 -12.24 1.93
C ASP A 47 9.01 -10.85 1.45
N ILE A 48 10.17 -10.36 1.89
CA ILE A 48 10.62 -9.05 1.47
C ILE A 48 11.85 -9.24 0.58
N SER A 49 11.71 -10.13 -0.40
CA SER A 49 12.76 -10.42 -1.36
C SER A 49 14.17 -10.59 -0.80
N GLY A 50 14.29 -11.28 0.33
CA GLY A 50 15.61 -11.50 0.89
C GLY A 50 16.30 -10.41 1.70
N HIS A 51 15.67 -9.25 1.85
CA HIS A 51 16.30 -8.20 2.65
C HIS A 51 16.24 -8.68 4.09
N SER A 52 17.26 -8.38 4.88
CA SER A 52 17.28 -8.78 6.27
C SER A 52 16.28 -7.95 7.08
N PRO A 53 15.29 -8.61 7.71
CA PRO A 53 14.28 -7.93 8.53
C PRO A 53 14.88 -7.00 9.58
N SER A 54 15.83 -7.52 10.34
CA SER A 54 16.48 -6.75 11.39
C SER A 54 17.28 -5.58 10.83
N GLY A 55 17.88 -5.77 9.66
CA GLY A 55 18.65 -4.72 9.05
C GLY A 55 17.83 -3.50 8.73
N LEU A 56 16.51 -3.67 8.65
CA LEU A 56 15.62 -2.56 8.33
C LEU A 56 15.33 -1.65 9.52
N GLU A 57 15.68 -2.07 10.72
CA GLU A 57 15.39 -1.26 11.89
C GLU A 57 15.90 0.17 11.79
N PRO A 58 17.22 0.36 11.63
CA PRO A 58 17.73 1.73 11.53
C PRO A 58 17.24 2.51 10.32
N GLN A 59 16.90 1.80 9.25
CA GLN A 59 16.41 2.43 8.03
C GLN A 59 14.99 2.98 8.18
N ILE A 60 14.15 2.26 8.91
CA ILE A 60 12.79 2.70 9.13
C ILE A 60 12.83 3.96 9.97
N LYS A 61 13.68 3.99 11.01
CA LYS A 61 13.79 5.16 11.87
C LYS A 61 14.32 6.36 11.10
N HIS A 62 15.26 6.13 10.19
CA HIS A 62 15.81 7.22 9.39
C HIS A 62 14.70 7.79 8.52
N CYS A 63 13.93 6.90 7.89
CA CYS A 63 12.82 7.30 7.05
C CYS A 63 11.86 8.19 7.83
N GLN A 64 11.45 7.73 9.01
CA GLN A 64 10.53 8.46 9.85
C GLN A 64 11.06 9.80 10.32
N SER A 65 12.35 9.89 10.61
CA SER A 65 12.91 11.15 11.06
C SER A 65 12.95 12.16 9.92
N LYS A 66 12.79 11.67 8.69
CA LYS A 66 12.74 12.55 7.53
C LYS A 66 11.28 12.73 7.15
N ASN A 67 10.40 12.35 8.07
CA ASN A 67 8.97 12.47 7.91
C ASN A 67 8.29 11.65 6.82
N VAL A 68 8.85 10.49 6.51
CA VAL A 68 8.25 9.62 5.53
C VAL A 68 7.53 8.55 6.36
N LYS A 69 6.26 8.28 6.04
CA LYS A 69 5.50 7.28 6.77
C LYS A 69 5.83 5.89 6.22
N VAL A 70 6.13 4.96 7.12
CA VAL A 70 6.48 3.58 6.75
C VAL A 70 5.42 2.56 7.17
N LEU A 71 4.81 1.91 6.19
CA LEU A 71 3.76 0.92 6.45
C LEU A 71 4.18 -0.52 6.09
N LEU A 72 3.54 -1.50 6.73
CA LEU A 72 3.79 -2.91 6.42
C LEU A 72 2.53 -3.38 5.68
N SER A 73 2.73 -4.04 4.56
CA SER A 73 1.60 -4.53 3.79
C SER A 73 1.42 -6.02 4.01
N ILE A 74 0.19 -6.42 4.30
CA ILE A 74 -0.08 -7.83 4.49
C ILE A 74 -0.73 -8.39 3.22
N GLY A 75 -0.50 -9.67 2.96
CA GLY A 75 -1.06 -10.29 1.78
C GLY A 75 -0.06 -10.22 0.63
N GLY A 76 -0.47 -9.56 -0.45
CA GLY A 76 0.41 -9.42 -1.61
C GLY A 76 -0.13 -10.08 -2.87
N PRO A 77 0.56 -9.91 -3.98
CA PRO A 77 0.10 -10.47 -5.25
C PRO A 77 0.04 -11.99 -5.19
N ALA A 78 1.01 -12.59 -4.50
CA ALA A 78 1.11 -14.04 -4.43
C ALA A 78 1.42 -14.49 -3.02
N GLY A 79 0.96 -15.69 -2.65
CA GLY A 79 1.26 -16.17 -1.32
C GLY A 79 0.24 -17.09 -0.69
N PRO A 80 0.70 -17.92 0.24
CA PRO A 80 -0.20 -18.85 0.92
C PRO A 80 -0.91 -18.20 2.10
N TYR A 81 -1.51 -17.04 1.88
CA TYR A 81 -2.22 -16.37 2.97
C TYR A 81 -3.72 -16.54 2.87
N SER A 82 -4.35 -16.64 4.04
CA SER A 82 -5.79 -16.77 4.15
C SER A 82 -6.21 -16.43 5.57
N LEU A 83 -7.40 -15.89 5.73
CA LEU A 83 -7.92 -15.51 7.04
C LEU A 83 -9.36 -16.01 7.06
N ASP A 84 -9.50 -17.33 6.98
CA ASP A 84 -10.80 -17.97 6.94
C ASP A 84 -11.57 -18.06 8.26
N SER A 85 -10.90 -18.25 9.38
CA SER A 85 -11.63 -18.34 10.64
C SER A 85 -11.49 -17.11 11.53
N ARG A 86 -12.40 -16.99 12.49
CA ARG A 86 -12.41 -15.87 13.42
C ARG A 86 -11.13 -15.83 14.26
N SER A 87 -10.61 -17.00 14.64
CA SER A 87 -9.40 -17.01 15.45
C SER A 87 -8.16 -16.62 14.65
N ASP A 88 -8.22 -16.79 13.32
CA ASP A 88 -7.10 -16.38 12.48
C ASP A 88 -7.00 -14.86 12.53
N ALA A 89 -8.15 -14.20 12.36
CA ALA A 89 -8.23 -12.75 12.38
C ALA A 89 -7.69 -12.17 13.70
N ASN A 90 -8.13 -12.74 14.81
CA ASN A 90 -7.68 -12.30 16.14
C ASN A 90 -6.19 -12.52 16.33
N ASP A 91 -5.71 -13.69 15.93
CA ASP A 91 -4.30 -14.04 16.06
C ASP A 91 -3.41 -13.06 15.30
N LEU A 92 -3.76 -12.80 14.05
CA LEU A 92 -3.00 -11.88 13.21
C LEU A 92 -3.09 -10.45 13.72
N ALA A 93 -4.27 -10.07 14.22
CA ALA A 93 -4.47 -8.73 14.73
C ALA A 93 -3.55 -8.50 15.93
N VAL A 94 -3.54 -9.40 16.91
CA VAL A 94 -2.67 -9.13 18.05
C VAL A 94 -1.18 -9.31 17.74
N TYR A 95 -0.85 -10.15 16.76
CA TYR A 95 0.54 -10.35 16.38
C TYR A 95 1.07 -9.08 15.70
N LEU A 96 0.27 -8.47 14.84
CA LEU A 96 0.67 -7.25 14.15
C LEU A 96 0.80 -6.11 15.16
N PHE A 97 -0.08 -6.12 16.15
CA PHE A 97 -0.08 -5.08 17.18
C PHE A 97 1.16 -5.11 18.08
N ASN A 98 1.44 -6.27 18.68
CA ASN A 98 2.59 -6.43 19.56
C ASN A 98 3.92 -6.21 18.86
N ASN A 99 4.07 -6.86 17.71
CA ASN A 99 5.30 -6.85 16.96
C ASN A 99 5.64 -5.73 15.99
N PHE A 100 4.67 -4.90 15.65
CA PHE A 100 4.92 -3.84 14.67
C PHE A 100 4.40 -2.46 15.04
N LEU A 101 3.23 -2.42 15.68
CA LEU A 101 2.61 -1.15 15.99
C LEU A 101 2.86 -0.60 17.39
N LEU A 102 3.52 -1.38 18.24
CA LEU A 102 3.81 -0.95 19.59
C LEU A 102 5.30 -1.03 19.89
N PRO A 103 5.74 -0.28 20.91
CA PRO A 103 7.14 -0.26 21.35
C PRO A 103 7.36 -1.70 21.83
N PRO A 104 8.61 -2.14 21.95
CA PRO A 104 8.82 -3.53 22.40
C PRO A 104 8.52 -4.06 23.80
N GLY A 105 8.27 -5.36 23.84
CA GLY A 105 8.01 -6.14 25.03
C GLY A 105 9.03 -7.24 24.78
N HIS A 106 9.42 -7.95 25.82
CA HIS A 106 10.58 -8.84 25.70
C HIS A 106 10.48 -10.38 25.78
N SER A 107 9.28 -10.93 25.64
CA SER A 107 9.04 -12.37 25.67
C SER A 107 8.83 -12.90 24.25
N GLU A 108 9.51 -12.29 23.30
CA GLU A 108 9.34 -12.55 21.89
C GLU A 108 10.52 -11.79 21.29
N ASN A 109 10.21 -11.14 20.17
CA ASN A 109 11.11 -10.26 19.45
C ASN A 109 10.67 -9.86 18.04
N ASN A 110 10.40 -8.56 17.96
CA ASN A 110 9.94 -7.84 16.79
C ASN A 110 10.80 -8.18 15.56
N PRO A 111 10.16 -8.56 14.44
CA PRO A 111 10.90 -8.90 13.21
C PRO A 111 11.79 -7.76 12.72
N PHE A 112 11.32 -6.53 12.94
CA PHE A 112 12.04 -5.33 12.54
C PHE A 112 12.72 -4.68 13.73
N GLY A 113 12.91 -5.43 14.81
CA GLY A 113 13.57 -4.88 15.98
C GLY A 113 12.71 -3.89 16.75
N ASN A 114 13.33 -2.81 17.21
CA ASN A 114 12.63 -1.80 17.99
C ASN A 114 11.94 -0.70 17.23
N ALA A 115 11.79 -0.89 15.93
CA ALA A 115 11.13 0.10 15.11
C ALA A 115 9.61 -0.09 15.27
N VAL A 116 8.86 1.01 15.26
CA VAL A 116 7.42 0.85 15.32
C VAL A 116 6.91 1.56 14.06
N LEU A 117 6.15 0.84 13.27
CA LEU A 117 5.64 1.32 12.02
C LEU A 117 4.48 2.28 12.12
N ASP A 118 4.17 2.94 11.03
CA ASP A 118 3.09 3.91 11.00
C ASP A 118 1.73 3.36 10.54
N GLY A 119 1.67 2.08 10.20
CA GLY A 119 0.41 1.51 9.78
C GLY A 119 0.50 0.16 9.08
N ILE A 120 -0.68 -0.35 8.72
CA ILE A 120 -0.85 -1.63 8.04
C ILE A 120 -1.59 -1.40 6.73
N ASP A 121 -1.09 -2.02 5.67
CA ASP A 121 -1.70 -1.92 4.34
C ASP A 121 -2.34 -3.26 3.96
N PHE A 122 -3.64 -3.24 3.65
CA PHE A 122 -4.33 -4.46 3.24
C PHE A 122 -4.18 -4.59 1.73
N HIS A 123 -3.35 -5.53 1.27
CA HIS A 123 -3.13 -5.76 -0.15
C HIS A 123 -3.62 -7.18 -0.45
N ILE A 124 -4.88 -7.43 -0.11
CA ILE A 124 -5.52 -8.72 -0.28
C ILE A 124 -6.01 -8.97 -1.70
N GLU A 125 -5.40 -9.92 -2.41
CA GLU A 125 -5.86 -10.17 -3.77
C GLU A 125 -6.57 -11.48 -4.04
N HIS A 126 -6.70 -12.31 -3.00
CA HIS A 126 -7.44 -13.56 -3.14
C HIS A 126 -7.99 -13.96 -1.77
N GLY A 127 -9.00 -14.82 -1.77
CA GLY A 127 -9.56 -15.28 -0.51
C GLY A 127 -10.93 -14.71 -0.16
N GLY A 128 -11.45 -13.79 -0.97
CA GLY A 128 -12.75 -13.22 -0.67
C GLY A 128 -12.62 -12.31 0.53
N PRO A 129 -13.73 -11.78 1.07
CA PRO A 129 -13.73 -10.89 2.23
C PRO A 129 -13.35 -11.63 3.51
N SER A 130 -13.66 -12.92 3.53
CA SER A 130 -13.39 -13.80 4.66
C SER A 130 -13.63 -13.09 5.99
N GLN A 131 -12.59 -13.03 6.82
CA GLN A 131 -12.69 -12.39 8.12
C GLN A 131 -11.86 -11.12 8.14
N TYR A 132 -11.60 -10.56 6.96
CA TYR A 132 -10.82 -9.32 6.89
C TYR A 132 -11.57 -8.16 7.55
N GLN A 133 -12.90 -8.25 7.61
CA GLN A 133 -13.70 -7.23 8.29
C GLN A 133 -13.35 -7.32 9.78
N LEU A 134 -13.38 -8.54 10.32
CA LEU A 134 -13.07 -8.77 11.73
C LEU A 134 -11.64 -8.30 12.06
N LEU A 135 -10.69 -8.65 11.19
CA LEU A 135 -9.30 -8.24 11.42
C LEU A 135 -9.25 -6.71 11.52
N ALA A 136 -9.87 -6.03 10.56
CA ALA A 136 -9.88 -4.56 10.57
C ALA A 136 -10.60 -3.96 11.78
N ASN A 137 -11.62 -4.64 12.31
CA ASN A 137 -12.34 -4.12 13.47
C ASN A 137 -11.45 -4.12 14.69
N ILE A 138 -10.66 -5.17 14.85
CA ILE A 138 -9.77 -5.27 16.00
C ILE A 138 -8.62 -4.26 15.88
N LEU A 139 -8.01 -4.18 14.71
CA LEU A 139 -6.93 -3.23 14.52
C LEU A 139 -7.48 -1.83 14.78
N SER A 140 -8.67 -1.56 14.25
CA SER A 140 -9.31 -0.27 14.47
C SER A 140 -9.58 -0.02 15.96
N SER A 141 -9.85 -1.10 16.69
CA SER A 141 -10.10 -1.00 18.11
C SER A 141 -8.83 -0.47 18.81
N PHE A 142 -7.70 -1.09 18.51
CA PHE A 142 -6.40 -0.71 19.07
C PHE A 142 -6.05 0.75 18.75
N ARG A 143 -6.45 1.18 17.57
CA ARG A 143 -6.21 2.55 17.11
C ARG A 143 -6.98 3.52 18.02
N LEU A 144 -8.05 3.03 18.62
CA LEU A 144 -8.88 3.83 19.53
C LEU A 144 -8.42 3.65 20.97
N LYS A 145 -7.30 2.95 21.15
CA LYS A 145 -6.74 2.70 22.47
C LYS A 145 -5.51 3.54 22.72
N GLY A 146 -5.31 4.55 21.88
CA GLY A 146 -4.19 5.45 22.07
C GLY A 146 -2.93 5.21 21.27
N THR A 147 -2.96 4.19 20.42
CA THR A 147 -1.81 3.87 19.60
C THR A 147 -2.20 4.17 18.15
N GLU A 148 -2.22 5.45 17.79
CA GLU A 148 -2.62 5.86 16.45
C GLU A 148 -1.63 5.45 15.37
N PHE A 149 -2.18 4.80 14.35
CA PHE A 149 -1.45 4.32 13.19
C PHE A 149 -2.50 4.38 12.10
N ALA A 150 -2.11 4.16 10.85
CA ALA A 150 -3.08 4.21 9.75
C ALA A 150 -3.40 2.84 9.17
N LEU A 151 -4.59 2.71 8.63
CA LEU A 151 -5.00 1.48 7.98
C LEU A 151 -5.28 1.88 6.55
N THR A 152 -4.67 1.20 5.59
CA THR A 152 -4.89 1.52 4.19
C THR A 152 -5.20 0.23 3.43
N ALA A 153 -5.64 0.38 2.19
CA ALA A 153 -5.97 -0.77 1.36
C ALA A 153 -5.58 -0.52 -0.08
N ALA A 154 -5.27 -1.59 -0.81
CA ALA A 154 -4.88 -1.51 -2.21
C ALA A 154 -5.75 -2.44 -3.07
N PRO A 155 -7.01 -2.07 -3.30
CA PRO A 155 -7.94 -2.86 -4.11
C PRO A 155 -7.68 -2.75 -5.60
N GLN A 156 -8.19 -3.70 -6.37
CA GLN A 156 -8.02 -3.65 -7.80
C GLN A 156 -8.97 -2.56 -8.29
N CYS A 157 -8.87 -2.19 -9.56
CA CYS A 157 -9.69 -1.09 -10.05
C CYS A 157 -11.15 -1.30 -10.39
N VAL A 158 -11.66 -2.52 -10.23
CA VAL A 158 -13.08 -2.77 -10.51
C VAL A 158 -13.84 -2.59 -9.21
N TYR A 159 -14.86 -1.74 -9.25
CA TYR A 159 -15.66 -1.46 -8.07
C TYR A 159 -17.00 -2.20 -8.11
N PRO A 160 -17.38 -2.87 -7.02
CA PRO A 160 -16.65 -2.97 -5.75
C PRO A 160 -15.56 -4.03 -5.83
N ASP A 161 -14.56 -3.95 -4.98
CA ASP A 161 -13.51 -4.94 -5.01
C ASP A 161 -13.98 -6.26 -4.42
N PRO A 162 -13.85 -7.35 -5.19
CA PRO A 162 -14.29 -8.67 -4.73
C PRO A 162 -13.71 -9.13 -3.40
N ASN A 163 -12.49 -8.73 -3.09
CA ASN A 163 -11.85 -9.13 -1.83
C ASN A 163 -11.98 -8.14 -0.68
N LEU A 164 -12.04 -6.85 -1.00
CA LEU A 164 -12.08 -5.81 0.04
C LEU A 164 -13.28 -4.86 0.07
N GLY A 165 -14.09 -4.85 -0.98
CA GLY A 165 -15.23 -3.94 -1.05
C GLY A 165 -16.08 -3.91 0.21
N THR A 166 -16.38 -5.09 0.72
CA THR A 166 -17.19 -5.24 1.92
C THR A 166 -16.57 -4.50 3.11
N VAL A 167 -15.27 -4.67 3.27
CA VAL A 167 -14.52 -4.05 4.34
C VAL A 167 -14.35 -2.54 4.10
N ILE A 168 -14.12 -2.16 2.86
CA ILE A 168 -13.95 -0.75 2.54
C ILE A 168 -15.25 0.01 2.87
N ASN A 169 -16.40 -0.62 2.62
CA ASN A 169 -17.68 -0.01 2.93
C ASN A 169 -17.86 0.31 4.42
N SER A 170 -17.00 -0.24 5.27
CA SER A 170 -17.09 0.01 6.71
C SER A 170 -16.43 1.33 7.07
N ALA A 171 -15.81 1.95 6.07
CA ALA A 171 -15.12 3.24 6.20
C ALA A 171 -13.94 3.28 7.18
N THR A 172 -13.38 2.11 7.47
CA THR A 172 -12.27 2.00 8.41
C THR A 172 -10.90 2.45 7.87
N PHE A 173 -10.75 2.49 6.55
CA PHE A 173 -9.48 2.89 5.94
C PHE A 173 -9.26 4.38 5.79
N ASP A 174 -8.08 4.83 6.23
CA ASP A 174 -7.73 6.24 6.15
C ASP A 174 -7.37 6.61 4.71
N ALA A 175 -6.82 5.67 3.97
CA ALA A 175 -6.46 5.92 2.59
C ALA A 175 -6.55 4.66 1.77
N ILE A 176 -6.89 4.84 0.50
CA ILE A 176 -7.03 3.76 -0.45
C ILE A 176 -6.20 4.11 -1.68
N TRP A 177 -5.40 3.16 -2.18
CA TRP A 177 -4.67 3.37 -3.43
C TRP A 177 -5.18 2.28 -4.35
N VAL A 178 -6.00 2.68 -5.30
CA VAL A 178 -6.59 1.76 -6.25
C VAL A 178 -5.58 1.40 -7.31
N GLN A 179 -5.46 0.11 -7.60
CA GLN A 179 -4.53 -0.38 -8.60
C GLN A 179 -5.09 -0.19 -10.00
N PHE A 180 -4.69 0.87 -10.68
CA PHE A 180 -5.17 1.11 -12.03
C PHE A 180 -4.26 0.45 -13.06
N TYR A 181 -4.05 -0.86 -12.90
CA TYR A 181 -3.22 -1.64 -13.81
C TYR A 181 -3.56 -3.13 -13.76
N ASN A 182 -2.99 -3.90 -14.69
CA ASN A 182 -3.21 -5.33 -14.81
C ASN A 182 -4.69 -5.73 -14.98
N ASN A 183 -5.51 -4.81 -15.48
CA ASN A 183 -6.92 -5.08 -15.72
C ASN A 183 -7.46 -4.05 -16.71
N PRO A 184 -7.56 -4.44 -17.98
CA PRO A 184 -8.04 -3.56 -19.05
C PRO A 184 -9.44 -2.96 -18.89
N GLN A 185 -10.27 -3.56 -18.04
CA GLN A 185 -11.62 -3.04 -17.82
C GLN A 185 -11.60 -1.68 -17.12
N CYS A 186 -10.53 -1.39 -16.39
CA CYS A 186 -10.46 -0.15 -15.64
C CYS A 186 -9.13 0.61 -15.61
N SER A 187 -8.22 0.33 -16.54
CA SER A 187 -6.95 1.04 -16.58
C SER A 187 -6.66 1.54 -18.00
N TYR A 188 -5.59 2.33 -18.14
CA TYR A 188 -5.19 2.89 -19.44
C TYR A 188 -4.78 1.78 -20.40
N SER A 189 -5.41 1.72 -21.58
CA SER A 189 -5.19 0.64 -22.55
C SER A 189 -4.48 0.81 -23.88
N SER A 190 -4.96 1.74 -24.70
CA SER A 190 -4.35 1.94 -26.02
C SER A 190 -4.62 3.38 -26.39
N GLY A 191 -3.89 4.28 -25.76
CA GLY A 191 -4.12 5.69 -26.02
C GLY A 191 -5.60 5.87 -25.71
N ASN A 192 -6.08 5.12 -24.71
CA ASN A 192 -7.49 5.17 -24.30
C ASN A 192 -7.67 5.22 -22.79
N ALA A 193 -8.07 6.39 -22.30
CA ALA A 193 -8.29 6.58 -20.87
C ALA A 193 -9.75 6.43 -20.44
N GLU A 194 -10.68 6.35 -21.39
CA GLU A 194 -12.09 6.23 -21.05
C GLU A 194 -12.37 5.24 -19.93
N ALA A 195 -11.81 4.04 -20.02
CA ALA A 195 -12.02 3.01 -18.98
C ALA A 195 -11.49 3.45 -17.63
N LEU A 196 -10.32 4.07 -17.64
CA LEU A 196 -9.66 4.56 -16.43
C LEU A 196 -10.41 5.72 -15.79
N MET A 197 -10.76 6.73 -16.57
CA MET A 197 -11.48 7.89 -16.05
C MET A 197 -12.81 7.47 -15.42
N ASN A 198 -13.44 6.46 -16.02
CA ASN A 198 -14.72 5.96 -15.53
C ASN A 198 -14.52 5.24 -14.21
N ALA A 199 -13.46 4.45 -14.10
CA ALA A 199 -13.20 3.72 -12.88
C ALA A 199 -12.93 4.74 -11.78
N TRP A 200 -12.13 5.75 -12.10
CA TRP A 200 -11.79 6.77 -11.14
C TRP A 200 -13.00 7.55 -10.62
N ARG A 201 -13.94 7.89 -11.49
CA ARG A 201 -15.14 8.61 -11.06
C ARG A 201 -15.89 7.80 -10.03
N GLU A 202 -16.00 6.51 -10.30
CA GLU A 202 -16.70 5.61 -9.41
C GLU A 202 -16.05 5.50 -8.04
N TRP A 203 -14.75 5.26 -8.02
CA TRP A 203 -14.03 5.14 -6.76
C TRP A 203 -14.02 6.42 -5.92
N SER A 204 -13.89 7.58 -6.56
CA SER A 204 -13.85 8.82 -5.81
C SER A 204 -15.22 9.28 -5.33
N MET A 205 -16.26 8.72 -5.93
CA MET A 205 -17.62 9.07 -5.52
C MET A 205 -18.18 8.10 -4.49
N LYS A 206 -17.91 6.82 -4.69
CA LYS A 206 -18.44 5.79 -3.81
C LYS A 206 -17.56 5.25 -2.69
N ALA A 207 -16.23 5.33 -2.82
CA ALA A 207 -15.34 4.80 -1.77
C ALA A 207 -15.47 5.55 -0.45
N ARG A 208 -15.68 4.80 0.63
CA ARG A 208 -15.85 5.41 1.95
C ARG A 208 -14.55 5.56 2.71
N THR A 209 -13.74 6.50 2.26
CA THR A 209 -12.47 6.82 2.88
C THR A 209 -12.23 8.31 2.64
N LYS A 210 -11.31 8.88 3.39
CA LYS A 210 -11.00 10.27 3.25
C LYS A 210 -10.08 10.54 2.07
N LYS A 211 -9.18 9.62 1.76
CA LYS A 211 -8.24 9.77 0.65
C LYS A 211 -8.16 8.61 -0.34
N VAL A 212 -8.31 8.92 -1.63
CA VAL A 212 -8.20 7.90 -2.66
C VAL A 212 -7.03 8.28 -3.57
N PHE A 213 -6.04 7.39 -3.66
CA PHE A 213 -4.86 7.61 -4.48
C PHE A 213 -4.97 6.81 -5.78
N LEU A 214 -4.36 7.30 -6.85
CA LEU A 214 -4.39 6.56 -8.12
C LEU A 214 -3.10 5.73 -8.22
N GLY A 215 -3.24 4.41 -8.34
CA GLY A 215 -2.07 3.56 -8.45
C GLY A 215 -1.65 3.20 -9.87
N PHE A 216 -0.40 3.53 -10.20
CA PHE A 216 0.17 3.26 -11.52
C PHE A 216 1.48 2.50 -11.47
N PRO A 217 1.80 1.76 -12.54
CA PRO A 217 3.08 1.05 -12.51
C PRO A 217 4.14 2.06 -13.00
N ALA A 218 5.33 2.03 -12.42
CA ALA A 218 6.35 3.00 -12.80
C ALA A 218 7.12 2.72 -14.08
N HIS A 219 6.89 1.56 -14.66
CA HIS A 219 7.61 1.19 -15.88
C HIS A 219 6.78 0.18 -16.64
N PRO A 220 6.93 0.13 -17.98
CA PRO A 220 6.17 -0.81 -18.80
C PRO A 220 6.38 -2.28 -18.33
N ASP A 221 7.56 -2.59 -17.85
CA ASP A 221 7.86 -3.94 -17.37
C ASP A 221 7.26 -4.26 -16.00
N ALA A 222 7.01 -3.23 -15.20
CA ALA A 222 6.49 -3.41 -13.84
C ALA A 222 5.12 -4.04 -13.70
N ALA A 223 4.36 -4.09 -14.79
CA ALA A 223 3.01 -4.67 -14.74
C ALA A 223 2.57 -5.16 -16.12
N GLY A 224 1.63 -6.10 -16.12
CA GLY A 224 1.13 -6.66 -17.36
C GLY A 224 0.50 -5.63 -18.28
N SER A 225 -0.32 -4.75 -17.72
CA SER A 225 -0.95 -3.72 -18.53
C SER A 225 -1.28 -2.51 -17.67
N GLY A 226 -1.56 -1.38 -18.31
CA GLY A 226 -1.92 -0.18 -17.58
C GLY A 226 -0.90 0.94 -17.50
N TYR A 227 0.31 0.71 -17.98
CA TYR A 227 1.33 1.76 -17.94
C TYR A 227 0.92 3.02 -18.74
N MET A 228 1.06 4.17 -18.10
CA MET A 228 0.71 5.46 -18.71
C MET A 228 1.86 6.43 -18.46
N PRO A 229 2.50 6.94 -19.53
CA PRO A 229 3.62 7.88 -19.39
C PRO A 229 3.32 9.05 -18.43
N PRO A 230 4.35 9.56 -17.75
CA PRO A 230 4.19 10.68 -16.82
C PRO A 230 3.51 11.89 -17.43
N ALA A 231 3.96 12.28 -18.62
CA ALA A 231 3.40 13.44 -19.29
C ALA A 231 1.90 13.28 -19.55
N LYS A 232 1.47 12.07 -19.75
CA LYS A 232 0.07 11.87 -19.95
C LYS A 232 -0.73 11.85 -18.70
N VAL A 233 -0.14 11.44 -17.59
CA VAL A 233 -0.81 11.44 -16.29
C VAL A 233 -1.10 12.87 -15.82
N LYS A 234 -0.12 13.76 -15.97
CA LYS A 234 -0.27 15.16 -15.58
C LYS A 234 -1.30 15.91 -16.43
N PHE A 235 -1.31 15.64 -17.73
CA PHE A 235 -2.21 16.30 -18.67
C PHE A 235 -3.64 15.77 -18.68
N HIS A 236 -3.76 14.44 -18.68
CA HIS A 236 -5.03 13.70 -18.72
C HIS A 236 -5.82 13.62 -17.42
N VAL A 237 -5.11 13.11 -16.43
CA VAL A 237 -5.61 12.81 -15.11
C VAL A 237 -5.71 13.93 -14.08
N PHE A 238 -4.59 14.53 -13.75
CA PHE A 238 -4.60 15.58 -12.73
C PHE A 238 -5.69 16.67 -12.83
N PRO A 239 -5.97 17.22 -14.03
CA PRO A 239 -7.03 18.23 -14.03
C PRO A 239 -8.36 17.76 -13.44
N ALA A 240 -8.80 16.58 -13.86
CA ALA A 240 -10.07 16.02 -13.40
C ALA A 240 -10.06 15.45 -11.99
N ALA A 241 -8.89 14.99 -11.53
CA ALA A 241 -8.77 14.40 -10.21
C ALA A 241 -8.67 15.41 -9.06
N LYS A 242 -7.97 16.51 -9.29
CA LYS A 242 -7.82 17.52 -8.24
C LYS A 242 -9.18 18.10 -7.92
N LYS A 243 -10.09 18.02 -8.89
CA LYS A 243 -11.42 18.54 -8.70
C LYS A 243 -12.20 17.67 -7.72
N SER A 244 -11.54 16.69 -7.13
CA SER A 244 -12.20 15.84 -6.15
C SER A 244 -11.65 16.06 -4.77
N TYR A 245 -12.57 16.19 -3.82
CA TYR A 245 -12.28 16.39 -2.41
C TYR A 245 -11.51 15.20 -1.86
N LYS A 246 -11.68 14.04 -2.47
CA LYS A 246 -11.00 12.85 -2.01
C LYS A 246 -9.66 12.56 -2.70
N PHE A 247 -9.21 13.43 -3.59
CA PHE A 247 -7.93 13.17 -4.28
C PHE A 247 -6.73 13.16 -3.33
N GLY A 248 -6.04 12.03 -3.28
CA GLY A 248 -4.89 11.91 -2.38
C GLY A 248 -3.51 12.09 -2.97
N GLY A 249 -3.35 11.73 -4.23
CA GLY A 249 -2.06 11.81 -4.89
C GLY A 249 -1.94 10.51 -5.65
N ILE A 250 -0.73 10.04 -5.91
CA ILE A 250 -0.64 8.77 -6.63
C ILE A 250 0.21 7.73 -5.91
N MET A 251 -0.05 6.46 -6.23
CA MET A 251 0.70 5.35 -5.64
C MET A 251 1.50 4.74 -6.79
N LEU A 252 2.75 4.38 -6.53
CA LEU A 252 3.60 3.84 -7.58
C LEU A 252 4.00 2.40 -7.41
N TRP A 253 3.75 1.54 -8.36
CA TRP A 253 4.27 0.19 -8.29
C TRP A 253 5.47 0.06 -9.23
N ASP A 254 6.68 -0.01 -8.74
CA ASP A 254 7.11 0.00 -7.36
C ASP A 254 8.45 0.74 -7.34
N SER A 255 9.12 0.75 -6.20
CA SER A 255 10.41 1.39 -5.97
C SER A 255 11.53 0.94 -6.89
N TYR A 256 11.69 -0.33 -6.98
CA TYR A 256 12.68 -0.92 -7.85
C TYR A 256 12.54 -0.35 -9.27
N TRP A 257 11.31 -0.27 -9.79
CA TRP A 257 11.12 0.25 -11.15
C TRP A 257 11.20 1.77 -11.28
N ASP A 258 10.79 2.50 -10.24
CA ASP A 258 10.83 3.97 -10.27
C ASP A 258 12.29 4.44 -10.31
N THR A 259 13.16 3.71 -9.63
CA THR A 259 14.59 4.01 -9.62
C THR A 259 15.11 3.99 -11.07
N VAL A 260 14.61 3.04 -11.85
CA VAL A 260 14.98 2.85 -13.24
C VAL A 260 14.35 3.86 -14.20
N SER A 261 13.03 4.03 -14.10
CA SER A 261 12.29 4.93 -14.98
C SER A 261 12.31 6.41 -14.60
N GLN A 262 12.44 6.68 -13.31
CA GLN A 262 12.45 8.05 -12.76
C GLN A 262 11.10 8.73 -13.03
N PHE A 263 10.06 7.92 -12.90
CA PHE A 263 8.68 8.31 -13.09
C PHE A 263 8.23 9.40 -12.10
N SER A 264 8.51 9.20 -10.82
CA SER A 264 8.13 10.18 -9.80
C SER A 264 8.87 11.50 -9.98
N ASN A 265 10.11 11.43 -10.44
CA ASN A 265 10.88 12.64 -10.66
C ASN A 265 10.20 13.43 -11.79
N LYS A 266 9.81 12.74 -12.85
CA LYS A 266 9.14 13.41 -13.96
C LYS A 266 7.81 14.02 -13.53
N ILE A 267 7.04 13.26 -12.75
CA ILE A 267 5.75 13.71 -12.26
C ILE A 267 5.86 14.98 -11.39
N LEU A 268 6.89 15.04 -10.56
CA LEU A 268 7.09 16.18 -9.64
C LEU A 268 7.86 17.41 -10.14
N GLY A 269 8.58 17.28 -11.26
CA GLY A 269 9.37 18.40 -11.74
C GLY A 269 10.82 18.09 -11.35
N ASP A 270 11.05 16.79 -11.22
CA ASP A 270 12.30 16.13 -10.83
C ASP A 270 13.13 16.70 -9.69
N GLY A 271 12.91 16.17 -8.48
CA GLY A 271 13.70 16.65 -7.34
C GLY A 271 13.40 16.28 -5.89
N VAL A 272 14.00 17.09 -5.02
CA VAL A 272 13.92 16.99 -3.56
C VAL A 272 13.56 18.36 -2.96
C ACT B . 1.22 5.24 -24.48
O ACT B . 0.12 5.81 -24.51
OXT ACT B . 2.06 5.72 -25.26
CH3 ACT B . 1.50 4.08 -23.56
P PO4 C . 19.65 -5.95 2.67
O1 PO4 C . 19.31 -6.45 1.31
O2 PO4 C . 20.81 -5.03 2.60
O3 PO4 C . 18.47 -5.24 3.23
O4 PO4 C . 19.99 -7.11 3.55
#